data_3RD3
#
_entry.id   3RD3
#
_cell.length_a   60.396
_cell.length_b   45.589
_cell.length_c   66.840
_cell.angle_alpha   90.000
_cell.angle_beta   109.720
_cell.angle_gamma   90.000
#
_symmetry.space_group_name_H-M   'P 1 21 1'
#
loop_
_entity.id
_entity.type
_entity.pdbx_description
1 polymer 'Probable transcriptional regulator'
2 water water
#
_entity_poly.entity_id   1
_entity_poly.type   'polypeptide(L)'
_entity_poly.pdbx_seq_one_letter_code
;GSHMKTSYDDTRQHLLDTGYRIMAVKGFSGVGLNEILQSAGVPKGSFYHYFKSKEQFGQALLEDYFRVYLADMDQRFSAP
GLNARERLMSYWQKWLDNACPPCDEQRCLVVKLSAEVADLSESMRITLRDGSDGIIERLVGCLGQGRDDGSLAPCDARHM
ASALYQLWLGASLLSKLHRSPGPLETAMQTTRSLLEI
;
_entity_poly.pdbx_strand_id   A,B
#
# COMPACT_ATOMS: atom_id res chain seq x y z
N ASP A 10 22.19 -25.52 -3.01
CA ASP A 10 22.41 -24.68 -1.80
C ASP A 10 22.52 -23.17 -2.11
N THR A 11 23.55 -22.78 -2.88
CA THR A 11 23.83 -21.35 -3.14
C THR A 11 22.74 -20.61 -3.96
N ARG A 12 22.09 -21.33 -4.86
CA ARG A 12 20.90 -20.84 -5.52
C ARG A 12 19.91 -20.35 -4.47
N GLN A 13 19.57 -21.24 -3.53
CA GLN A 13 18.60 -20.95 -2.49
C GLN A 13 19.10 -19.87 -1.54
N HIS A 14 20.40 -19.85 -1.27
CA HIS A 14 20.98 -18.83 -0.41
C HIS A 14 20.76 -17.46 -1.03
N LEU A 15 21.05 -17.35 -2.34
CA LEU A 15 20.69 -16.15 -3.13
C LEU A 15 19.17 -15.76 -3.09
N LEU A 16 18.29 -16.76 -3.16
CA LEU A 16 16.86 -16.54 -3.13
C LEU A 16 16.39 -16.03 -1.76
N ASP A 17 16.80 -16.68 -0.68
CA ASP A 17 16.53 -16.19 0.66
C ASP A 17 17.12 -14.80 0.92
N THR A 18 18.34 -14.56 0.42
CA THR A 18 18.98 -13.25 0.50
C THR A 18 18.30 -12.21 -0.40
N GLY A 19 17.85 -12.64 -1.57
CA GLY A 19 16.92 -11.84 -2.39
C GLY A 19 15.65 -11.41 -1.67
N TYR A 20 15.03 -12.33 -0.94
CA TYR A 20 13.79 -12.03 -0.20
C TYR A 20 14.08 -11.01 0.94
N ARG A 21 15.09 -11.29 1.77
CA ARG A 21 15.37 -10.41 2.87
C ARG A 21 15.69 -8.98 2.40
N ILE A 22 16.55 -8.85 1.39
CA ILE A 22 16.78 -7.55 0.72
C ILE A 22 15.51 -6.92 0.14
N MET A 23 14.79 -7.69 -0.69
CA MET A 23 13.48 -7.30 -1.20
C MET A 23 12.46 -6.82 -0.13
N ALA A 24 12.44 -7.46 1.03
CA ALA A 24 11.54 -7.06 2.10
C ALA A 24 11.86 -5.69 2.66
N VAL A 25 13.10 -5.22 2.49
CA VAL A 25 13.51 -3.95 3.10
C VAL A 25 13.73 -2.79 2.10
N LYS A 26 14.24 -3.08 0.91
CA LYS A 26 14.62 -2.02 -0.03
C LYS A 26 13.89 -2.08 -1.38
N GLY A 27 13.11 -3.13 -1.59
CA GLY A 27 12.44 -3.30 -2.87
C GLY A 27 13.39 -3.94 -3.86
N PHE A 28 12.99 -4.00 -5.13
CA PHE A 28 13.81 -4.67 -6.13
C PHE A 28 14.62 -3.70 -7.03
N SER A 29 14.03 -2.56 -7.37
CA SER A 29 14.57 -1.69 -8.44
C SER A 29 15.62 -0.69 -7.95
N GLY A 30 15.66 -0.46 -6.64
CA GLY A 30 16.62 0.48 -6.06
C GLY A 30 17.85 -0.26 -5.61
N VAL A 31 17.86 -1.56 -5.85
CA VAL A 31 18.88 -2.43 -5.35
C VAL A 31 19.73 -2.97 -6.50
N GLY A 32 20.98 -2.52 -6.53
CA GLY A 32 21.97 -3.11 -7.45
C GLY A 32 22.21 -4.59 -7.18
N LEU A 33 22.51 -5.31 -8.26
CA LEU A 33 23.02 -6.67 -8.21
C LEU A 33 24.23 -6.74 -7.30
N ASN A 34 25.14 -5.77 -7.46
CA ASN A 34 26.24 -5.52 -6.53
C ASN A 34 25.83 -5.63 -5.04
N GLU A 35 24.78 -4.91 -4.64
CA GLU A 35 24.23 -5.02 -3.26
C GLU A 35 23.82 -6.45 -2.91
N ILE A 36 23.06 -7.12 -3.78
CA ILE A 36 22.64 -8.51 -3.52
C ILE A 36 23.87 -9.36 -3.24
N LEU A 37 24.85 -9.19 -4.12
CA LEU A 37 26.06 -9.99 -4.12
C LEU A 37 26.87 -9.92 -2.82
N GLN A 38 27.20 -8.69 -2.36
CA GLN A 38 27.87 -8.48 -1.07
C GLN A 38 27.02 -8.81 0.17
N SER A 39 25.69 -8.83 0.01
CA SER A 39 24.83 -9.28 1.10
C SER A 39 24.79 -10.80 1.19
N ALA A 40 24.73 -11.47 0.04
CA ALA A 40 24.76 -12.93 0.02
C ALA A 40 26.18 -13.44 0.34
N GLY A 41 27.19 -12.62 0.08
CA GLY A 41 28.59 -13.03 0.19
C GLY A 41 28.92 -14.04 -0.90
N VAL A 42 28.06 -14.05 -1.93
CA VAL A 42 28.23 -14.88 -3.15
C VAL A 42 29.00 -14.06 -4.23
N PRO A 43 30.06 -14.65 -4.79
CA PRO A 43 30.73 -14.02 -5.94
C PRO A 43 29.87 -13.89 -7.21
N LYS A 44 30.20 -12.88 -8.02
CA LYS A 44 29.52 -12.55 -9.28
C LYS A 44 29.40 -13.76 -10.21
N GLY A 45 30.54 -14.41 -10.46
CA GLY A 45 30.63 -15.57 -11.34
C GLY A 45 29.63 -16.65 -10.94
N SER A 46 29.48 -16.82 -9.64
CA SER A 46 28.62 -17.88 -9.10
C SER A 46 27.15 -17.56 -9.24
N PHE A 47 26.83 -16.26 -9.36
CA PHE A 47 25.46 -15.77 -9.62
C PHE A 47 24.99 -16.18 -11.04
N TYR A 48 25.81 -15.90 -12.05
CA TYR A 48 25.45 -16.12 -13.47
C TYR A 48 25.39 -17.58 -13.88
N HIS A 49 25.66 -18.42 -12.90
CA HIS A 49 25.63 -19.86 -13.06
C HIS A 49 24.24 -20.35 -12.69
N TYR A 50 23.46 -19.52 -12.00
CA TYR A 50 22.10 -19.89 -11.56
C TYR A 50 21.02 -19.06 -12.20
N PHE A 51 21.38 -17.83 -12.60
CA PHE A 51 20.43 -16.84 -13.12
C PHE A 51 21.07 -16.08 -14.28
N LYS A 52 20.28 -15.82 -15.33
CA LYS A 52 20.78 -15.16 -16.52
C LYS A 52 21.00 -13.67 -16.29
N SER A 53 20.35 -13.13 -15.24
CA SER A 53 20.09 -11.68 -15.10
C SER A 53 19.67 -11.30 -13.68
N LYS A 54 19.65 -10.01 -13.39
CA LYS A 54 19.05 -9.54 -12.16
C LYS A 54 17.54 -9.58 -12.32
N GLU A 55 17.08 -9.30 -13.54
CA GLU A 55 15.66 -9.32 -13.90
C GLU A 55 15.08 -10.73 -13.80
N GLN A 56 15.79 -11.72 -14.33
CA GLN A 56 15.35 -13.13 -14.22
C GLN A 56 15.40 -13.70 -12.79
N PHE A 57 16.34 -13.18 -11.98
CA PHE A 57 16.49 -13.55 -10.59
C PHE A 57 15.27 -13.00 -9.80
N GLY A 58 14.83 -11.81 -10.21
CA GLY A 58 13.61 -11.21 -9.72
C GLY A 58 12.35 -11.98 -10.05
N GLN A 59 12.20 -12.43 -11.30
CA GLN A 59 11.12 -13.37 -11.69
C GLN A 59 11.13 -14.64 -10.84
N ALA A 60 12.28 -15.31 -10.75
CA ALA A 60 12.39 -16.51 -9.93
C ALA A 60 11.88 -16.29 -8.52
N LEU A 61 12.41 -15.28 -7.84
CA LEU A 61 11.92 -14.85 -6.52
C LEU A 61 10.40 -14.70 -6.44
N LEU A 62 9.79 -13.92 -7.33
CA LEU A 62 8.36 -13.76 -7.39
C LEU A 62 7.59 -15.06 -7.59
N GLU A 63 8.01 -15.80 -8.61
CA GLU A 63 7.48 -17.12 -8.95
C GLU A 63 7.45 -18.00 -7.73
N ASP A 64 8.60 -18.15 -7.08
CA ASP A 64 8.79 -18.93 -5.84
C ASP A 64 7.90 -18.41 -4.70
N TYR A 65 7.80 -17.08 -4.63
CA TYR A 65 7.02 -16.40 -3.59
C TYR A 65 5.49 -16.69 -3.73
N PHE A 66 4.95 -16.55 -4.93
CA PHE A 66 3.55 -16.85 -5.15
C PHE A 66 3.12 -18.32 -5.02
N ARG A 67 4.00 -19.25 -5.40
CA ARG A 67 3.79 -20.68 -5.21
C ARG A 67 3.66 -21.09 -3.74
N VAL A 68 4.66 -20.79 -2.92
CA VAL A 68 4.57 -21.10 -1.49
C VAL A 68 3.26 -20.46 -0.89
N TYR A 69 3.02 -19.20 -1.24
CA TYR A 69 1.91 -18.43 -0.72
C TYR A 69 0.55 -19.00 -1.16
N LEU A 70 0.39 -19.25 -2.47
CA LEU A 70 -0.83 -19.83 -3.01
C LEU A 70 -1.09 -21.24 -2.53
N ALA A 71 -0.08 -22.09 -2.47
CA ALA A 71 -0.12 -23.44 -1.85
C ALA A 71 -0.59 -23.41 -0.40
N ASP A 72 0.02 -22.59 0.47
CA ASP A 72 -0.51 -22.44 1.83
C ASP A 72 -2.01 -22.09 1.78
N MET A 73 -2.45 -21.37 0.77
CA MET A 73 -3.83 -20.90 0.79
C MET A 73 -4.71 -22.04 0.34
N ASP A 74 -4.20 -22.86 -0.57
CA ASP A 74 -4.95 -24.05 -1.00
C ASP A 74 -5.14 -25.05 0.17
N GLN A 75 -4.10 -25.23 0.98
CA GLN A 75 -4.12 -26.21 2.05
C GLN A 75 -5.22 -25.80 3.00
N ARG A 76 -5.18 -24.53 3.36
CA ARG A 76 -6.07 -23.97 4.32
C ARG A 76 -7.52 -23.87 3.87
N PHE A 77 -7.73 -23.36 2.66
CA PHE A 77 -9.06 -23.29 2.15
C PHE A 77 -9.54 -24.68 1.74
N SER A 78 -8.67 -25.68 1.79
CA SER A 78 -9.22 -27.03 1.58
C SER A 78 -9.24 -27.89 2.81
N ALA A 79 -9.01 -27.33 4.00
CA ALA A 79 -8.86 -28.17 5.20
C ALA A 79 -10.16 -28.86 5.59
N PRO A 80 -10.17 -30.20 5.59
CA PRO A 80 -11.34 -30.94 6.01
C PRO A 80 -11.65 -30.70 7.48
N GLY A 81 -12.94 -30.67 7.82
CA GLY A 81 -13.33 -30.50 9.21
C GLY A 81 -13.48 -29.06 9.63
N LEU A 82 -13.32 -28.15 8.66
CA LEU A 82 -13.46 -26.72 8.84
C LEU A 82 -14.51 -26.19 7.86
N ASN A 83 -15.39 -25.33 8.37
CA ASN A 83 -16.31 -24.70 7.49
C ASN A 83 -15.65 -23.50 6.86
N ALA A 84 -16.39 -22.85 5.97
CA ALA A 84 -15.82 -21.78 5.16
C ALA A 84 -15.47 -20.55 5.99
N ARG A 85 -16.26 -20.30 7.04
CA ARG A 85 -15.98 -19.27 8.03
C ARG A 85 -14.65 -19.53 8.74
N GLU A 86 -14.49 -20.74 9.28
CA GLU A 86 -13.26 -21.14 9.95
C GLU A 86 -12.00 -21.09 9.03
N ARG A 87 -12.14 -21.48 7.77
CA ARG A 87 -11.02 -21.56 6.84
C ARG A 87 -10.56 -20.17 6.54
N LEU A 88 -11.57 -19.31 6.37
CA LEU A 88 -11.37 -17.90 6.00
C LEU A 88 -10.77 -17.06 7.12
N MET A 89 -11.39 -17.12 8.30
CA MET A 89 -10.84 -16.57 9.51
C MET A 89 -9.43 -17.00 9.87
N SER A 90 -9.05 -18.25 9.63
CA SER A 90 -7.71 -18.62 10.03
C SER A 90 -6.64 -18.06 9.06
N TYR A 91 -7.08 -17.70 7.84
CA TYR A 91 -6.24 -17.00 6.85
C TYR A 91 -5.98 -15.55 7.27
N TRP A 92 -7.02 -14.89 7.76
CA TRP A 92 -6.85 -13.53 8.26
C TRP A 92 -5.95 -13.52 9.51
N GLN A 93 -6.15 -14.51 10.39
CA GLN A 93 -5.33 -14.69 11.58
C GLN A 93 -3.89 -14.94 11.25
N LYS A 94 -3.64 -15.88 10.34
CA LYS A 94 -2.33 -16.02 9.70
C LYS A 94 -1.72 -14.72 9.24
N TRP A 95 -2.53 -13.79 8.73
CA TRP A 95 -1.95 -12.53 8.21
C TRP A 95 -1.52 -11.62 9.39
N LEU A 96 -2.37 -11.60 10.39
CA LEU A 96 -2.20 -10.80 11.56
C LEU A 96 -1.02 -11.33 12.37
N ASP A 97 -0.74 -12.63 12.27
CA ASP A 97 0.28 -13.25 13.06
C ASP A 97 1.59 -13.47 12.29
N ASN A 98 1.60 -13.12 11.01
CA ASN A 98 2.81 -13.27 10.22
C ASN A 98 3.46 -11.92 10.08
N ALA A 99 2.71 -10.91 10.51
CA ALA A 99 3.13 -9.54 10.36
C ALA A 99 3.92 -9.20 11.61
N CYS A 100 5.09 -8.62 11.47
CA CYS A 100 5.60 -7.89 12.62
C CYS A 100 5.75 -6.42 12.33
N PRO A 101 4.76 -5.63 12.75
CA PRO A 101 4.79 -4.17 12.78
C PRO A 101 6.22 -3.63 13.00
N PRO A 102 6.90 -4.03 14.12
CA PRO A 102 8.20 -3.40 14.38
C PRO A 102 9.44 -3.87 13.60
N CYS A 103 9.36 -4.92 12.80
CA CYS A 103 10.46 -5.32 11.91
C CYS A 103 10.55 -4.44 10.65
N ASP A 104 11.79 -4.11 10.23
CA ASP A 104 12.01 -3.42 8.94
C ASP A 104 11.51 -4.18 7.70
N GLU A 105 11.64 -5.49 7.71
CA GLU A 105 11.12 -6.34 6.62
C GLU A 105 9.60 -6.29 6.41
N GLN A 106 9.17 -5.71 5.31
CA GLN A 106 7.81 -5.93 4.79
C GLN A 106 7.71 -7.20 3.94
N ARG A 107 7.41 -8.31 4.60
CA ARG A 107 7.29 -9.63 3.99
C ARG A 107 6.09 -9.80 3.02
N CYS A 108 5.21 -8.81 2.94
CA CYS A 108 4.10 -8.85 1.97
C CYS A 108 4.50 -8.10 0.71
N LEU A 109 4.83 -8.82 -0.35
CA LEU A 109 5.43 -8.20 -1.53
C LEU A 109 4.47 -7.43 -2.40
N VAL A 110 3.18 -7.77 -2.42
CA VAL A 110 2.23 -6.98 -3.21
C VAL A 110 2.36 -5.61 -2.60
N VAL A 111 2.41 -5.54 -1.27
CA VAL A 111 2.49 -4.23 -0.65
C VAL A 111 3.79 -3.57 -1.02
N LYS A 112 4.87 -4.28 -0.80
CA LYS A 112 6.20 -3.79 -1.12
C LYS A 112 6.38 -3.42 -2.61
N LEU A 113 5.89 -4.27 -3.51
CA LEU A 113 6.29 -4.14 -4.90
C LEU A 113 5.27 -3.39 -5.70
N SER A 114 4.01 -3.47 -5.27
CA SER A 114 2.89 -2.75 -5.89
C SER A 114 3.06 -1.25 -5.74
N ALA A 115 3.71 -0.86 -4.65
CA ALA A 115 4.03 0.54 -4.45
C ALA A 115 5.16 1.02 -5.35
N GLU A 116 5.86 0.12 -5.99
CA GLU A 116 7.10 0.48 -6.70
C GLU A 116 6.96 0.05 -8.15
N VAL A 117 5.72 -0.30 -8.52
CA VAL A 117 5.38 -0.99 -9.75
C VAL A 117 5.79 -0.25 -11.03
N ALA A 118 5.86 1.08 -10.98
CA ALA A 118 6.10 1.87 -12.19
C ALA A 118 7.53 1.74 -12.67
N ASP A 119 8.44 1.61 -11.72
CA ASP A 119 9.81 1.34 -12.04
C ASP A 119 10.15 -0.16 -12.19
N LEU A 120 9.16 -1.06 -12.16
CA LEU A 120 9.43 -2.47 -12.51
C LEU A 120 9.29 -2.75 -14.02
N SER A 121 9.94 -3.82 -14.48
CA SER A 121 9.67 -4.35 -15.79
C SER A 121 8.23 -4.88 -15.98
N GLU A 122 7.81 -4.99 -17.22
CA GLU A 122 6.48 -5.43 -17.53
C GLU A 122 6.23 -6.88 -17.06
N SER A 123 7.20 -7.76 -17.29
CA SER A 123 7.15 -9.13 -16.82
C SER A 123 6.90 -9.29 -15.33
N MET A 124 7.55 -8.45 -14.52
CA MET A 124 7.40 -8.46 -13.12
C MET A 124 6.04 -7.96 -12.75
N ARG A 125 5.57 -6.92 -13.42
CA ARG A 125 4.22 -6.44 -13.21
C ARG A 125 3.18 -7.51 -13.59
N ILE A 126 3.35 -8.19 -14.73
CA ILE A 126 2.39 -9.24 -15.07
C ILE A 126 2.28 -10.38 -14.00
N THR A 127 3.41 -10.78 -13.43
CA THR A 127 3.47 -11.80 -12.40
C THR A 127 2.86 -11.32 -11.09
N LEU A 128 3.01 -10.04 -10.81
CA LEU A 128 2.54 -9.50 -9.55
C LEU A 128 0.98 -9.35 -9.54
N ARG A 129 0.40 -8.94 -10.67
CA ARG A 129 -1.05 -8.87 -10.88
C ARG A 129 -1.61 -10.28 -10.84
N ASP A 130 -0.95 -11.24 -11.50
CA ASP A 130 -1.41 -12.63 -11.52
C ASP A 130 -1.41 -13.21 -10.07
N GLY A 131 -0.30 -13.11 -9.37
CA GLY A 131 -0.24 -13.59 -8.01
C GLY A 131 -1.32 -13.02 -7.14
N SER A 132 -1.60 -11.75 -7.40
CA SER A 132 -2.53 -10.96 -6.65
C SER A 132 -3.92 -11.31 -7.02
N ASP A 133 -4.17 -11.56 -8.30
CA ASP A 133 -5.48 -12.04 -8.73
C ASP A 133 -5.78 -13.44 -8.20
N GLY A 134 -4.73 -14.23 -7.98
CA GLY A 134 -4.88 -15.59 -7.53
C GLY A 134 -5.31 -15.69 -6.08
N ILE A 135 -4.90 -14.72 -5.25
CA ILE A 135 -5.37 -14.54 -3.84
C ILE A 135 -6.84 -14.15 -3.76
N ILE A 136 -7.21 -13.08 -4.43
CA ILE A 136 -8.60 -12.67 -4.50
C ILE A 136 -9.48 -13.81 -4.98
N GLU A 137 -9.02 -14.54 -5.96
CA GLU A 137 -9.82 -15.62 -6.51
C GLU A 137 -10.13 -16.73 -5.52
N ARG A 138 -9.13 -17.11 -4.71
CA ARG A 138 -9.38 -18.09 -3.66
C ARG A 138 -10.31 -17.52 -2.60
N LEU A 139 -10.20 -16.20 -2.34
CA LEU A 139 -11.11 -15.52 -1.40
C LEU A 139 -12.59 -15.57 -1.82
N VAL A 140 -12.80 -15.32 -3.12
CA VAL A 140 -14.09 -15.45 -3.74
C VAL A 140 -14.60 -16.89 -3.65
N GLY A 141 -13.75 -17.84 -3.99
CA GLY A 141 -14.10 -19.24 -3.87
C GLY A 141 -14.55 -19.53 -2.46
N CYS A 142 -13.79 -19.10 -1.49
CA CYS A 142 -14.09 -19.44 -0.14
C CYS A 142 -15.37 -18.76 0.39
N LEU A 143 -15.64 -17.55 -0.08
CA LEU A 143 -16.84 -16.81 0.29
C LEU A 143 -18.04 -17.53 -0.27
N GLY A 144 -17.94 -17.95 -1.54
CA GLY A 144 -19.02 -18.58 -2.27
C GLY A 144 -19.33 -19.92 -1.66
N GLN A 145 -18.29 -20.57 -1.18
CA GLN A 145 -18.41 -21.86 -0.49
C GLN A 145 -19.11 -21.81 0.91
N GLY A 146 -19.11 -20.64 1.53
CA GLY A 146 -19.68 -20.42 2.87
C GLY A 146 -21.15 -20.10 2.78
N ARG A 147 -21.52 -19.60 1.60
CA ARG A 147 -22.91 -19.37 1.32
C ARG A 147 -23.59 -20.73 1.07
N ASP A 148 -22.85 -21.70 0.55
CA ASP A 148 -23.31 -23.07 0.38
C ASP A 148 -23.45 -23.89 1.66
N ASP A 149 -22.57 -23.71 2.61
CA ASP A 149 -22.67 -24.45 3.86
C ASP A 149 -23.27 -23.63 4.99
N GLY A 150 -23.90 -22.51 4.65
CA GLY A 150 -24.49 -21.60 5.65
C GLY A 150 -23.51 -20.91 6.59
N SER A 151 -22.21 -21.10 6.37
CA SER A 151 -21.17 -20.50 7.24
C SER A 151 -21.07 -18.98 7.16
N LEU A 152 -21.43 -18.41 6.01
CA LEU A 152 -21.32 -16.97 5.85
C LEU A 152 -22.63 -16.38 5.33
N ALA A 153 -23.04 -15.26 5.93
CA ALA A 153 -24.17 -14.47 5.43
C ALA A 153 -23.97 -14.14 3.95
N PRO A 154 -25.06 -14.19 3.15
CA PRO A 154 -24.98 -13.81 1.72
C PRO A 154 -24.30 -12.45 1.54
N CYS A 155 -23.70 -12.27 0.37
CA CYS A 155 -23.01 -11.03 0.04
C CYS A 155 -22.61 -11.17 -1.40
N ASP A 156 -22.17 -10.06 -1.97
CA ASP A 156 -21.60 -10.09 -3.27
C ASP A 156 -20.14 -10.48 -2.98
N ALA A 157 -19.81 -11.73 -3.28
CA ALA A 157 -18.52 -12.32 -2.94
C ALA A 157 -17.32 -11.68 -3.65
N ARG A 158 -17.47 -11.32 -4.92
CA ARG A 158 -16.40 -10.64 -5.67
C ARG A 158 -16.12 -9.37 -4.94
N HIS A 159 -17.19 -8.63 -4.62
CA HIS A 159 -17.09 -7.33 -3.99
C HIS A 159 -16.45 -7.39 -2.59
N MET A 160 -17.03 -8.22 -1.73
CA MET A 160 -16.50 -8.54 -0.42
C MET A 160 -15.01 -8.99 -0.46
N ALA A 161 -14.65 -9.93 -1.31
CA ALA A 161 -13.27 -10.39 -1.33
C ALA A 161 -12.31 -9.23 -1.57
N SER A 162 -12.66 -8.39 -2.57
CA SER A 162 -11.76 -7.31 -2.94
C SER A 162 -11.73 -6.25 -1.83
N ALA A 163 -12.90 -6.02 -1.23
CA ALA A 163 -13.01 -5.06 -0.17
C ALA A 163 -12.11 -5.49 0.94
N LEU A 164 -12.17 -6.77 1.34
CA LEU A 164 -11.38 -7.30 2.45
C LEU A 164 -9.88 -7.31 2.17
N TYR A 165 -9.52 -7.71 0.97
CA TYR A 165 -8.13 -7.73 0.62
C TYR A 165 -7.47 -6.32 0.65
N GLN A 166 -8.17 -5.33 0.12
CA GLN A 166 -7.78 -3.89 0.17
C GLN A 166 -7.58 -3.37 1.56
N LEU A 167 -8.57 -3.65 2.40
CA LEU A 167 -8.51 -3.38 3.82
C LEU A 167 -7.24 -3.90 4.51
N TRP A 168 -6.87 -5.16 4.23
CA TRP A 168 -5.73 -5.79 4.84
C TRP A 168 -4.40 -5.29 4.25
N LEU A 169 -4.34 -5.14 2.93
CA LEU A 169 -3.17 -4.49 2.25
C LEU A 169 -2.88 -3.11 2.89
N GLY A 170 -3.93 -2.30 2.95
CA GLY A 170 -3.87 -0.99 3.60
C GLY A 170 -3.42 -1.00 5.05
N ALA A 171 -3.87 -2.00 5.83
CA ALA A 171 -3.39 -2.22 7.22
C ALA A 171 -1.95 -2.68 7.27
N SER A 172 -1.53 -3.55 6.36
CA SER A 172 -0.12 -3.90 6.25
C SER A 172 0.75 -2.68 6.06
N LEU A 173 0.39 -1.91 5.05
CA LEU A 173 1.06 -0.65 4.75
C LEU A 173 1.19 0.23 5.98
N LEU A 174 0.07 0.47 6.68
CA LEU A 174 0.07 1.38 7.83
C LEU A 174 0.69 0.79 9.09
N SER A 175 0.61 -0.53 9.23
CA SER A 175 1.30 -1.16 10.30
C SER A 175 2.79 -0.95 10.21
N LYS A 176 3.32 -1.05 8.98
CA LYS A 176 4.73 -0.89 8.84
C LYS A 176 5.14 0.56 9.13
N LEU A 177 4.32 1.54 8.71
CA LEU A 177 4.67 2.95 8.87
C LEU A 177 4.86 3.26 10.35
N HIS A 178 3.89 2.78 11.13
CA HIS A 178 3.79 3.08 12.54
C HIS A 178 4.44 2.09 13.45
N ARG A 179 4.99 1.00 12.90
CA ARG A 179 5.63 -0.08 13.70
C ARG A 179 4.70 -0.55 14.82
N SER A 180 3.42 -0.58 14.50
CA SER A 180 2.38 -0.83 15.46
C SER A 180 1.41 -1.90 14.95
N PRO A 181 0.89 -2.71 15.89
CA PRO A 181 -0.12 -3.73 15.58
C PRO A 181 -1.53 -3.17 15.40
N GLY A 182 -1.79 -1.96 15.90
CA GLY A 182 -3.10 -1.29 15.80
C GLY A 182 -3.86 -1.42 14.49
N PRO A 183 -3.27 -0.96 13.36
CA PRO A 183 -4.02 -1.12 12.10
C PRO A 183 -4.44 -2.54 11.66
N LEU A 184 -3.68 -3.56 12.00
CA LEU A 184 -4.06 -4.95 11.68
C LEU A 184 -5.20 -5.45 12.61
N GLU A 185 -5.16 -5.04 13.88
CA GLU A 185 -6.31 -5.25 14.79
C GLU A 185 -7.64 -4.59 14.24
N THR A 186 -7.53 -3.39 13.70
CA THR A 186 -8.66 -2.73 13.09
C THR A 186 -9.16 -3.51 11.87
N ALA A 187 -8.22 -4.01 11.06
CA ALA A 187 -8.60 -4.80 9.90
C ALA A 187 -9.39 -6.05 10.34
N MET A 188 -8.89 -6.75 11.36
CA MET A 188 -9.52 -7.93 11.92
C MET A 188 -10.88 -7.61 12.48
N GLN A 189 -10.97 -6.62 13.36
CA GLN A 189 -12.24 -6.23 13.97
C GLN A 189 -13.31 -5.92 12.92
N THR A 190 -12.88 -5.26 11.84
CA THR A 190 -13.74 -4.87 10.74
C THR A 190 -14.18 -6.09 9.94
N THR A 191 -13.25 -6.98 9.68
CA THR A 191 -13.50 -8.24 9.00
C THR A 191 -14.55 -9.08 9.75
N ARG A 192 -14.43 -9.18 11.08
CA ARG A 192 -15.49 -9.84 11.88
C ARG A 192 -16.88 -9.19 11.70
N SER A 193 -16.94 -7.85 11.62
CA SER A 193 -18.22 -7.16 11.52
C SER A 193 -18.89 -7.33 10.18
N LEU A 194 -18.10 -7.26 9.10
CA LEU A 194 -18.55 -7.38 7.71
C LEU A 194 -19.00 -8.77 7.38
N LEU A 195 -18.30 -9.72 7.97
CA LEU A 195 -18.73 -11.07 7.94
C LEU A 195 -19.66 -11.25 9.16
N GLU A 196 -20.28 -12.42 9.32
CA GLU A 196 -21.29 -12.60 10.42
C GLU A 196 -22.01 -11.34 10.91
N ASP B 10 10.20 32.73 -7.03
CA ASP B 10 10.61 31.31 -6.73
C ASP B 10 10.14 30.34 -7.82
N THR B 11 10.65 30.57 -9.02
CA THR B 11 10.45 29.70 -10.18
C THR B 11 11.22 28.37 -10.03
N ARG B 12 11.36 27.90 -8.79
CA ARG B 12 12.01 26.62 -8.48
C ARG B 12 11.05 25.83 -7.59
N GLN B 13 9.80 26.31 -7.62
CA GLN B 13 8.63 25.48 -7.51
C GLN B 13 8.79 24.44 -8.61
N HIS B 14 9.30 24.88 -9.75
CA HIS B 14 9.69 24.01 -10.86
C HIS B 14 10.45 22.76 -10.35
N LEU B 15 11.31 22.99 -9.36
CA LEU B 15 12.15 21.97 -8.71
C LEU B 15 11.34 21.07 -7.75
N LEU B 16 10.44 21.70 -7.00
CA LEU B 16 9.57 20.99 -6.09
C LEU B 16 8.44 20.28 -6.86
N ASP B 17 8.15 20.75 -8.07
CA ASP B 17 7.16 20.08 -8.93
C ASP B 17 7.79 18.96 -9.75
N THR B 18 9.07 19.17 -10.12
CA THR B 18 9.89 18.13 -10.74
C THR B 18 10.26 17.08 -9.69
N GLY B 19 10.46 17.53 -8.46
CA GLY B 19 10.72 16.61 -7.34
C GLY B 19 9.53 15.73 -7.08
N TYR B 20 8.34 16.30 -7.21
CA TYR B 20 7.09 15.57 -6.97
C TYR B 20 6.76 14.64 -8.15
N ARG B 21 7.19 15.00 -9.35
CA ARG B 21 7.00 14.18 -10.55
C ARG B 21 7.99 13.00 -10.62
N ILE B 22 9.18 13.17 -10.05
CA ILE B 22 10.14 12.05 -9.90
C ILE B 22 9.72 11.11 -8.75
N MET B 23 9.37 11.68 -7.60
CA MET B 23 8.77 10.98 -6.45
C MET B 23 7.55 10.10 -6.81
N ALA B 24 6.55 10.67 -7.48
CA ALA B 24 5.36 9.92 -7.88
C ALA B 24 5.66 8.67 -8.70
N VAL B 25 6.70 8.73 -9.52
CA VAL B 25 7.06 7.61 -10.41
C VAL B 25 8.14 6.67 -9.82
N LYS B 26 9.26 7.24 -9.36
CA LYS B 26 10.43 6.45 -8.94
C LYS B 26 10.61 6.24 -7.42
N GLY B 27 9.82 6.93 -6.60
CA GLY B 27 10.09 6.97 -5.16
C GLY B 27 11.10 8.06 -4.83
N PHE B 28 11.76 7.94 -3.68
CA PHE B 28 12.74 8.95 -3.27
C PHE B 28 14.18 8.44 -3.08
N SER B 29 14.36 7.38 -2.31
CA SER B 29 15.71 6.89 -1.97
C SER B 29 16.42 6.20 -3.13
N GLY B 30 15.65 5.63 -4.04
CA GLY B 30 16.21 4.98 -5.21
C GLY B 30 16.89 5.96 -6.12
N VAL B 31 16.34 7.17 -6.23
CA VAL B 31 16.82 8.14 -7.24
C VAL B 31 17.84 9.16 -6.77
N GLY B 32 19.02 9.08 -7.38
CA GLY B 32 20.17 9.87 -7.00
C GLY B 32 19.97 11.37 -6.91
N LEU B 33 20.71 11.98 -6.00
CA LEU B 33 20.76 13.43 -5.86
C LEU B 33 21.03 14.10 -7.22
N ASN B 34 21.97 13.56 -7.98
CA ASN B 34 22.29 14.05 -9.32
C ASN B 34 21.11 13.98 -10.30
N GLU B 35 20.54 12.79 -10.48
CA GLU B 35 19.42 12.57 -11.41
C GLU B 35 18.25 13.57 -11.33
N ILE B 36 17.94 14.09 -10.14
CA ILE B 36 16.89 15.12 -10.01
C ILE B 36 17.19 16.39 -10.84
N LEU B 37 18.49 16.72 -10.94
CA LEU B 37 18.96 17.89 -11.70
C LEU B 37 19.00 17.68 -13.22
N GLN B 38 19.29 16.41 -13.62
CA GLN B 38 19.22 15.99 -15.02
C GLN B 38 17.84 16.22 -15.63
N SER B 39 16.81 15.75 -14.94
CA SER B 39 15.42 15.80 -15.41
C SER B 39 14.69 17.11 -15.08
N ALA B 40 15.42 18.20 -14.91
CA ALA B 40 14.79 19.47 -14.55
C ALA B 40 15.32 20.66 -15.32
N GLY B 41 16.57 20.54 -15.79
CA GLY B 41 17.25 21.60 -16.56
C GLY B 41 17.89 22.67 -15.69
N VAL B 42 18.04 22.35 -14.40
CA VAL B 42 18.56 23.25 -13.39
C VAL B 42 19.92 22.73 -12.90
N PRO B 43 21.03 23.42 -13.29
CA PRO B 43 22.38 23.15 -12.77
C PRO B 43 22.47 23.12 -11.23
N LYS B 44 23.48 22.39 -10.73
CA LYS B 44 23.64 22.04 -9.32
C LYS B 44 23.78 23.25 -8.39
N GLY B 45 24.37 24.34 -8.93
CA GLY B 45 24.51 25.60 -8.19
C GLY B 45 23.20 26.21 -7.74
N SER B 46 22.22 26.25 -8.64
CA SER B 46 20.85 26.72 -8.33
C SER B 46 20.19 25.86 -7.26
N PHE B 47 20.60 24.60 -7.22
CA PHE B 47 20.05 23.61 -6.30
C PHE B 47 20.55 23.84 -4.87
N TYR B 48 21.87 23.89 -4.71
CA TYR B 48 22.53 24.11 -3.42
C TYR B 48 22.31 25.53 -2.88
N HIS B 49 22.01 26.46 -3.78
CA HIS B 49 21.46 27.75 -3.39
C HIS B 49 20.29 27.52 -2.44
N TYR B 50 19.35 26.73 -2.95
CA TYR B 50 18.02 26.61 -2.42
C TYR B 50 17.82 25.48 -1.40
N PHE B 51 18.79 24.57 -1.31
CA PHE B 51 18.67 23.40 -0.43
C PHE B 51 20.02 22.96 0.12
N LYS B 52 20.04 22.60 1.41
CA LYS B 52 21.27 22.23 2.10
C LYS B 52 21.67 20.77 1.87
N SER B 53 20.70 19.92 1.51
CA SER B 53 20.95 18.49 1.17
C SER B 53 19.74 17.76 0.54
N LYS B 54 19.96 16.55 0.04
CA LYS B 54 18.91 15.75 -0.61
C LYS B 54 17.86 15.25 0.39
N GLU B 55 18.29 15.15 1.64
CA GLU B 55 17.41 14.77 2.73
C GLU B 55 16.55 15.97 3.10
N GLN B 56 17.11 17.17 3.00
CA GLN B 56 16.32 18.38 3.29
C GLN B 56 15.38 18.74 2.15
N PHE B 57 15.77 18.40 0.92
CA PHE B 57 14.90 18.57 -0.23
C PHE B 57 13.67 17.65 -0.07
N GLY B 58 13.88 16.43 0.39
CA GLY B 58 12.79 15.52 0.68
C GLY B 58 11.80 16.01 1.73
N GLN B 59 12.31 16.60 2.80
CA GLN B 59 11.48 17.12 3.90
C GLN B 59 10.50 18.21 3.47
N ALA B 60 11.02 19.26 2.85
CA ALA B 60 10.20 20.33 2.30
C ALA B 60 9.04 19.75 1.50
N LEU B 61 9.41 18.98 0.47
CA LEU B 61 8.48 18.28 -0.38
C LEU B 61 7.41 17.52 0.41
N LEU B 62 7.82 16.71 1.39
CA LEU B 62 6.90 16.06 2.30
C LEU B 62 6.01 17.00 3.09
N GLU B 63 6.62 18.04 3.65
CA GLU B 63 5.93 19.00 4.51
C GLU B 63 4.89 19.77 3.69
N ASP B 64 5.33 20.32 2.56
CA ASP B 64 4.45 21.04 1.64
C ASP B 64 3.39 20.18 0.96
N TYR B 65 3.49 18.86 1.05
CA TYR B 65 2.51 18.01 0.46
C TYR B 65 1.39 17.80 1.48
N PHE B 66 1.75 17.70 2.75
CA PHE B 66 0.76 17.60 3.76
C PHE B 66 0.06 18.91 4.12
N ARG B 67 0.77 20.02 4.02
CA ARG B 67 0.17 21.35 4.04
C ARG B 67 -1.01 21.43 3.06
N VAL B 68 -0.73 21.43 1.76
CA VAL B 68 -1.77 21.48 0.71
C VAL B 68 -2.90 20.42 0.94
N TYR B 69 -2.52 19.18 1.25
CA TYR B 69 -3.47 18.08 1.50
C TYR B 69 -4.35 18.33 2.73
N LEU B 70 -3.77 18.67 3.90
CA LEU B 70 -4.57 18.88 5.12
C LEU B 70 -5.38 20.16 5.11
N ALA B 71 -4.77 21.24 4.64
CA ALA B 71 -5.52 22.46 4.23
C ALA B 71 -6.63 22.23 3.20
N ASP B 72 -6.61 21.14 2.42
CA ASP B 72 -7.75 20.89 1.57
C ASP B 72 -8.86 20.21 2.36
N MET B 73 -8.52 19.35 3.32
CA MET B 73 -9.54 18.65 4.10
C MET B 73 -10.24 19.58 5.06
N ASP B 74 -9.52 20.56 5.58
CA ASP B 74 -10.11 21.54 6.51
C ASP B 74 -11.20 22.29 5.75
N GLN B 75 -10.90 22.67 4.52
CA GLN B 75 -11.87 23.36 3.69
C GLN B 75 -13.14 22.55 3.63
N ARG B 76 -13.06 21.31 3.18
CA ARG B 76 -14.29 20.57 2.92
C ARG B 76 -15.02 20.07 4.20
N PHE B 77 -14.26 19.69 5.23
CA PHE B 77 -14.89 19.29 6.44
C PHE B 77 -15.38 20.50 7.23
N SER B 78 -14.95 21.71 6.85
CA SER B 78 -15.51 22.91 7.48
C SER B 78 -16.57 23.58 6.63
N ALA B 79 -16.84 23.07 5.42
CA ALA B 79 -17.71 23.78 4.47
C ALA B 79 -19.13 24.00 5.01
N PRO B 80 -19.57 25.28 5.02
CA PRO B 80 -20.93 25.63 5.44
C PRO B 80 -22.00 25.09 4.48
N GLY B 81 -23.17 24.73 5.03
CA GLY B 81 -24.32 24.32 4.24
C GLY B 81 -24.20 22.89 3.75
N LEU B 82 -23.30 22.15 4.37
CA LEU B 82 -23.13 20.73 4.15
C LEU B 82 -23.19 19.99 5.49
N ASN B 83 -23.89 18.86 5.50
CA ASN B 83 -23.90 17.98 6.67
C ASN B 83 -22.65 17.08 6.67
N ALA B 84 -22.49 16.29 7.71
CA ALA B 84 -21.33 15.45 7.86
C ALA B 84 -21.14 14.48 6.73
N ARG B 85 -22.22 13.80 6.33
CA ARG B 85 -22.15 12.86 5.22
C ARG B 85 -21.57 13.54 4.00
N GLU B 86 -22.20 14.62 3.55
CA GLU B 86 -21.78 15.34 2.35
C GLU B 86 -20.32 15.78 2.35
N ARG B 87 -19.83 16.29 3.47
CA ARG B 87 -18.42 16.67 3.57
C ARG B 87 -17.51 15.46 3.44
N LEU B 88 -17.86 14.41 4.17
CA LEU B 88 -17.11 13.19 4.16
C LEU B 88 -17.07 12.55 2.79
N MET B 89 -18.26 12.38 2.23
CA MET B 89 -18.45 11.81 0.92
C MET B 89 -17.71 12.55 -0.14
N SER B 90 -17.54 13.86 0.00
CA SER B 90 -16.92 14.57 -1.09
C SER B 90 -15.41 14.47 -0.93
N TYR B 91 -14.94 14.07 0.26
CA TYR B 91 -13.55 13.70 0.39
C TYR B 91 -13.21 12.36 -0.38
N TRP B 92 -13.94 11.29 -0.12
CA TRP B 92 -13.78 10.02 -0.88
C TRP B 92 -13.94 10.20 -2.38
N GLN B 93 -14.97 10.92 -2.79
CA GLN B 93 -15.20 11.29 -4.17
C GLN B 93 -14.01 12.02 -4.83
N LYS B 94 -13.36 12.90 -4.07
CA LYS B 94 -12.14 13.59 -4.53
C LYS B 94 -10.98 12.60 -4.74
N TRP B 95 -10.83 11.60 -3.88
CA TRP B 95 -9.76 10.61 -4.00
C TRP B 95 -10.02 9.73 -5.25
N LEU B 96 -11.30 9.45 -5.50
CA LEU B 96 -11.69 8.60 -6.59
C LEU B 96 -11.35 9.35 -7.87
N ASP B 97 -11.61 10.64 -7.89
CA ASP B 97 -11.47 11.42 -9.07
C ASP B 97 -10.05 11.90 -9.39
N ASN B 98 -9.18 11.94 -8.39
CA ASN B 98 -7.79 12.41 -8.58
C ASN B 98 -6.88 11.25 -8.88
N ALA B 99 -7.39 10.05 -8.63
CA ALA B 99 -6.67 8.83 -8.92
C ALA B 99 -6.73 8.62 -10.43
N CYS B 100 -5.55 8.47 -11.02
CA CYS B 100 -5.43 8.06 -12.40
C CYS B 100 -4.83 6.64 -12.53
N PRO B 101 -5.66 5.58 -12.37
CA PRO B 101 -5.24 4.17 -12.54
C PRO B 101 -4.20 3.91 -13.64
N PRO B 102 -4.44 4.37 -14.91
CA PRO B 102 -3.49 4.04 -16.00
C PRO B 102 -2.24 4.93 -16.04
N CYS B 103 -2.23 6.01 -15.28
CA CYS B 103 -1.06 6.87 -15.17
C CYS B 103 0.04 6.21 -14.36
N ASP B 104 1.28 6.30 -14.85
CA ASP B 104 2.42 5.85 -14.02
C ASP B 104 2.57 6.62 -12.69
N GLU B 105 2.11 7.86 -12.65
CA GLU B 105 2.24 8.67 -11.45
C GLU B 105 1.39 8.23 -10.24
N GLN B 106 2.03 7.85 -9.12
CA GLN B 106 1.29 7.57 -7.89
C GLN B 106 1.31 8.78 -6.98
N ARG B 107 0.20 9.52 -6.99
CA ARG B 107 0.08 10.81 -6.31
C ARG B 107 -0.10 10.74 -4.77
N CYS B 108 -0.71 9.67 -4.21
CA CYS B 108 -0.66 9.55 -2.72
C CYS B 108 0.74 9.10 -2.34
N LEU B 109 1.41 10.01 -1.65
CA LEU B 109 2.75 9.75 -1.24
C LEU B 109 2.73 8.74 -0.14
N VAL B 110 1.60 8.58 0.55
CA VAL B 110 1.57 7.69 1.69
C VAL B 110 1.76 6.29 1.13
N VAL B 111 0.99 5.95 0.11
CA VAL B 111 1.17 4.68 -0.56
C VAL B 111 2.59 4.62 -1.15
N LYS B 112 2.90 5.53 -2.03
CA LYS B 112 4.19 5.52 -2.68
C LYS B 112 5.33 5.33 -1.67
N LEU B 113 5.44 6.20 -0.69
CA LEU B 113 6.62 6.24 0.17
C LEU B 113 6.46 5.40 1.40
N SER B 114 5.22 5.15 1.81
CA SER B 114 5.01 4.35 3.03
C SER B 114 5.32 2.92 2.77
N ALA B 115 5.06 2.47 1.55
CA ALA B 115 5.56 1.16 1.20
C ALA B 115 7.11 1.06 1.32
N GLU B 116 7.87 2.04 0.80
CA GLU B 116 9.37 2.07 0.91
C GLU B 116 10.01 2.64 2.23
N VAL B 117 9.20 2.83 3.27
CA VAL B 117 9.61 3.50 4.52
C VAL B 117 10.82 2.92 5.28
N ALA B 118 11.05 1.61 5.18
CA ALA B 118 12.23 1.00 5.82
C ALA B 118 13.56 1.57 5.28
N ASP B 119 13.51 2.18 4.11
CA ASP B 119 14.69 2.67 3.42
C ASP B 119 14.74 4.19 3.43
N LEU B 120 13.90 4.84 4.24
CA LEU B 120 13.94 6.32 4.44
C LEU B 120 14.61 6.76 5.76
N SER B 121 15.12 7.99 5.80
CA SER B 121 15.51 8.60 7.06
C SER B 121 14.39 8.58 8.13
N GLU B 122 14.79 8.49 9.38
CA GLU B 122 13.86 8.48 10.48
C GLU B 122 12.95 9.75 10.46
N SER B 123 13.56 10.88 10.14
CA SER B 123 12.86 12.14 9.99
C SER B 123 11.79 12.22 8.89
N MET B 124 12.00 11.51 7.80
CA MET B 124 11.02 11.42 6.74
C MET B 124 9.83 10.61 7.22
N ARG B 125 10.12 9.47 7.87
CA ARG B 125 9.13 8.56 8.45
C ARG B 125 8.24 9.21 9.54
N ILE B 126 8.83 9.94 10.48
CA ILE B 126 7.99 10.67 11.43
C ILE B 126 7.07 11.69 10.71
N THR B 127 7.56 12.33 9.65
CA THR B 127 6.74 13.23 8.86
C THR B 127 5.63 12.46 8.16
N LEU B 128 5.92 11.29 7.60
CA LEU B 128 4.90 10.43 7.04
C LEU B 128 3.85 9.92 8.05
N ARG B 129 4.31 9.48 9.21
CA ARG B 129 3.42 9.08 10.29
C ARG B 129 2.52 10.25 10.72
N ASP B 130 3.10 11.44 10.89
CA ASP B 130 2.33 12.59 11.33
C ASP B 130 1.34 13.05 10.23
N GLY B 131 1.78 13.09 9.00
CA GLY B 131 0.86 13.39 7.94
C GLY B 131 -0.34 12.46 7.98
N SER B 132 -0.11 11.16 8.12
CA SER B 132 -1.15 10.18 8.04
C SER B 132 -2.05 10.24 9.24
N ASP B 133 -1.46 10.46 10.42
CA ASP B 133 -2.28 10.65 11.60
C ASP B 133 -3.17 11.87 11.41
N GLY B 134 -2.64 12.87 10.70
CA GLY B 134 -3.39 14.05 10.39
C GLY B 134 -4.66 13.77 9.60
N ILE B 135 -4.53 12.92 8.60
CA ILE B 135 -5.65 12.53 7.73
C ILE B 135 -6.64 11.73 8.54
N ILE B 136 -6.19 10.66 9.16
CA ILE B 136 -7.07 9.91 10.02
C ILE B 136 -7.82 10.85 10.96
N GLU B 137 -7.08 11.75 11.61
CA GLU B 137 -7.71 12.57 12.66
C GLU B 137 -8.89 13.39 12.22
N ARG B 138 -8.80 14.01 11.03
CA ARG B 138 -9.92 14.76 10.48
C ARG B 138 -11.13 13.88 10.14
N LEU B 139 -10.86 12.61 9.81
CA LEU B 139 -11.91 11.65 9.53
C LEU B 139 -12.69 11.33 10.79
N VAL B 140 -11.98 11.15 11.88
CA VAL B 140 -12.59 11.02 13.22
C VAL B 140 -13.55 12.18 13.51
N GLY B 141 -13.07 13.40 13.30
CA GLY B 141 -13.84 14.63 13.49
C GLY B 141 -15.18 14.51 12.80
N CYS B 142 -15.09 14.37 11.49
CA CYS B 142 -16.24 14.43 10.64
C CYS B 142 -17.24 13.27 10.85
N LEU B 143 -16.74 12.07 11.08
CA LEU B 143 -17.56 10.99 11.60
C LEU B 143 -18.29 11.43 12.86
N GLY B 144 -17.55 11.98 13.82
CA GLY B 144 -18.10 12.49 15.07
C GLY B 144 -19.11 13.62 14.95
N GLN B 145 -19.03 14.42 13.88
CA GLN B 145 -20.08 15.40 13.60
C GLN B 145 -21.21 14.81 12.72
N GLY B 146 -21.12 13.52 12.41
CA GLY B 146 -22.07 12.81 11.57
C GLY B 146 -23.14 12.08 12.37
N ARG B 147 -22.87 11.97 13.66
CA ARG B 147 -23.72 11.20 14.55
C ARG B 147 -24.45 12.22 15.42
N ASP B 148 -23.87 13.42 15.44
CA ASP B 148 -24.54 14.64 15.91
C ASP B 148 -25.71 15.12 15.04
N ASP B 149 -25.55 15.10 13.73
CA ASP B 149 -26.63 15.57 12.84
C ASP B 149 -27.45 14.43 12.17
N GLY B 150 -27.15 13.19 12.52
CA GLY B 150 -27.84 12.03 11.96
C GLY B 150 -27.56 11.77 10.49
N SER B 151 -26.43 12.25 10.00
CA SER B 151 -26.07 12.06 8.59
C SER B 151 -25.43 10.69 8.37
N LEU B 152 -24.70 10.22 9.38
CA LEU B 152 -23.91 8.99 9.21
C LEU B 152 -24.50 7.78 9.94
N ALA B 153 -24.32 6.61 9.30
CA ALA B 153 -24.72 5.33 9.89
C ALA B 153 -23.95 5.18 11.20
N PRO B 154 -24.57 4.54 12.23
CA PRO B 154 -23.96 4.29 13.55
C PRO B 154 -22.62 3.54 13.54
N CYS B 155 -21.56 4.14 14.10
CA CYS B 155 -20.27 3.44 14.25
C CYS B 155 -19.41 4.03 15.39
N ASP B 156 -18.37 3.30 15.83
CA ASP B 156 -17.23 3.86 16.59
C ASP B 156 -16.46 4.69 15.56
N ALA B 157 -16.18 5.96 15.87
CA ALA B 157 -15.55 6.87 14.88
C ALA B 157 -14.11 6.52 14.60
N ARG B 158 -13.34 6.29 15.67
CA ARG B 158 -11.91 5.97 15.61
C ARG B 158 -11.66 4.73 14.80
N HIS B 159 -12.47 3.72 15.04
CA HIS B 159 -12.37 2.46 14.31
C HIS B 159 -12.77 2.56 12.80
N MET B 160 -13.92 3.16 12.53
CA MET B 160 -14.44 3.38 11.19
C MET B 160 -13.46 4.23 10.32
N ALA B 161 -12.84 5.26 10.90
CA ALA B 161 -11.87 6.11 10.18
C ALA B 161 -10.63 5.35 9.76
N SER B 162 -10.04 4.61 10.68
CA SER B 162 -8.95 3.66 10.32
C SER B 162 -9.34 2.64 9.25
N ALA B 163 -10.43 1.90 9.46
CA ALA B 163 -10.98 0.99 8.46
C ALA B 163 -11.08 1.59 7.06
N LEU B 164 -11.62 2.81 6.96
CA LEU B 164 -11.88 3.45 5.66
C LEU B 164 -10.60 3.96 4.98
N TYR B 165 -9.72 4.62 5.74
CA TYR B 165 -8.40 5.03 5.25
C TYR B 165 -7.60 3.83 4.74
N GLN B 166 -7.59 2.72 5.48
CA GLN B 166 -6.95 1.47 5.04
C GLN B 166 -7.57 0.85 3.78
N LEU B 167 -8.89 0.71 3.76
CA LEU B 167 -9.53 0.27 2.51
C LEU B 167 -9.08 1.12 1.28
N TRP B 168 -9.01 2.46 1.44
CA TRP B 168 -8.67 3.38 0.35
C TRP B 168 -7.17 3.35 0.01
N LEU B 169 -6.29 3.30 1.01
CA LEU B 169 -4.86 3.02 0.74
C LEU B 169 -4.69 1.77 -0.13
N GLY B 170 -5.33 0.69 0.31
CA GLY B 170 -5.31 -0.61 -0.38
C GLY B 170 -5.82 -0.55 -1.81
N ALA B 171 -6.99 0.10 -2.03
CA ALA B 171 -7.55 0.35 -3.38
C ALA B 171 -6.59 1.12 -4.28
N SER B 172 -5.85 2.08 -3.72
CA SER B 172 -4.93 2.85 -4.54
C SER B 172 -3.76 1.98 -4.99
N LEU B 173 -3.23 1.16 -4.08
CA LEU B 173 -2.27 0.11 -4.42
C LEU B 173 -2.72 -0.70 -5.59
N LEU B 174 -3.87 -1.35 -5.47
CA LEU B 174 -4.34 -2.27 -6.52
C LEU B 174 -4.83 -1.58 -7.79
N SER B 175 -5.23 -0.33 -7.67
CA SER B 175 -5.56 0.42 -8.87
C SER B 175 -4.34 0.65 -9.72
N LYS B 176 -3.24 1.00 -9.08
CA LYS B 176 -2.00 1.19 -9.78
C LYS B 176 -1.40 -0.13 -10.32
N LEU B 177 -1.40 -1.20 -9.52
CA LEU B 177 -0.95 -2.50 -10.01
C LEU B 177 -1.68 -2.83 -11.34
N HIS B 178 -2.99 -2.69 -11.34
CA HIS B 178 -3.79 -3.19 -12.42
C HIS B 178 -4.05 -2.23 -13.55
N ARG B 179 -3.83 -0.95 -13.32
CA ARG B 179 -4.19 0.11 -14.25
C ARG B 179 -5.72 0.17 -14.46
N SER B 180 -6.48 -0.16 -13.43
CA SER B 180 -7.91 -0.27 -13.52
C SER B 180 -8.52 0.54 -12.43
N PRO B 181 -9.68 1.12 -12.74
CA PRO B 181 -10.45 1.85 -11.74
C PRO B 181 -11.22 0.89 -10.78
N GLY B 182 -11.49 -0.32 -11.24
CA GLY B 182 -12.12 -1.38 -10.42
C GLY B 182 -11.92 -1.27 -8.90
N PRO B 183 -10.65 -1.39 -8.39
CA PRO B 183 -10.39 -1.34 -6.94
C PRO B 183 -10.87 -0.06 -6.25
N LEU B 184 -10.66 1.10 -6.86
CA LEU B 184 -11.28 2.34 -6.34
C LEU B 184 -12.84 2.38 -6.34
N GLU B 185 -13.48 1.81 -7.35
CA GLU B 185 -14.93 1.63 -7.41
C GLU B 185 -15.41 0.69 -6.28
N THR B 186 -14.63 -0.33 -5.96
CA THR B 186 -14.99 -1.22 -4.86
C THR B 186 -14.99 -0.51 -3.51
N ALA B 187 -14.02 0.39 -3.35
CA ALA B 187 -13.79 1.10 -2.11
C ALA B 187 -14.91 2.09 -1.90
N MET B 188 -15.30 2.80 -2.95
CA MET B 188 -16.42 3.71 -2.90
C MET B 188 -17.72 2.97 -2.54
N GLN B 189 -18.06 1.89 -3.24
CA GLN B 189 -19.25 1.13 -2.90
C GLN B 189 -19.28 0.68 -1.42
N THR B 190 -18.15 0.21 -0.92
CA THR B 190 -18.06 -0.27 0.43
C THR B 190 -18.30 0.87 1.44
N THR B 191 -17.87 2.06 1.04
CA THR B 191 -17.89 3.24 1.86
C THR B 191 -19.33 3.74 1.92
N ARG B 192 -20.01 3.73 0.78
CA ARG B 192 -21.46 4.05 0.73
C ARG B 192 -22.25 3.10 1.60
N SER B 193 -22.00 1.80 1.47
CA SER B 193 -22.66 0.82 2.31
C SER B 193 -22.35 1.01 3.79
N LEU B 194 -21.08 1.28 4.09
CA LEU B 194 -20.69 1.52 5.48
C LEU B 194 -21.36 2.76 6.11
N LEU B 195 -21.58 3.82 5.30
CA LEU B 195 -21.94 5.14 5.81
C LEU B 195 -23.33 5.71 5.51
N GLU B 196 -23.76 5.71 4.23
CA GLU B 196 -25.13 6.10 3.85
C GLU B 196 -26.16 5.11 4.35
#